data_8VU0
#
_entry.id   8VU0
#
_cell.length_a   190.495
_cell.length_b   55.028
_cell.length_c   87.160
_cell.angle_alpha   90.000
_cell.angle_beta   94.420
_cell.angle_gamma   90.000
#
_symmetry.space_group_name_H-M   'C 1 2 1'
#
loop_
_entity.id
_entity.type
_entity.pdbx_description
1 polymer 'RNA (76-MER)'
2 polymer 'Methionyl-tRNA synthetase beta subunit'
3 water water
#
loop_
_entity_poly.entity_id
_entity_poly.type
_entity_poly.pdbx_seq_one_letter_code
_entity_poly.pdbx_strand_id
1 'polyribonucleotide' GGGCUUGUAGCUCAGGUGGUUAGAGCGCACCGCGAAAGCGGUGAGGUCGGUGGUUCAAGUCCACUCAGGCCUACCA C,D
2 'polypeptide(L)'
;GPMEEKALIGIEDFLKVDLRVAKVLSAERVEGSEKLLKLTLSLGDEERTVVAGIAKYYTPEELVGKKIVIVANLKPRKIF
GIESQGMILAASDGENLSVIVPDRDVKEGAKLS
;
B,A
#
loop_
_chem_comp.id
_chem_comp.type
_chem_comp.name
_chem_comp.formula
A RNA linking ADENOSINE-5'-MONOPHOSPHATE 'C10 H14 N5 O7 P'
C RNA linking CYTIDINE-5'-MONOPHOSPHATE 'C9 H14 N3 O8 P'
G RNA linking GUANOSINE-5'-MONOPHOSPHATE 'C10 H14 N5 O8 P'
U RNA linking URIDINE-5'-MONOPHOSPHATE 'C9 H13 N2 O9 P'
#
# COMPACT_ATOMS: atom_id res chain seq x y z
N ALA C 7 5.97 18.71 4.81
CA ALA C 7 4.91 18.79 5.81
C ALA C 7 4.67 17.42 6.44
N LEU C 8 5.21 17.23 7.65
CA LEU C 8 5.31 15.91 8.25
C LEU C 8 4.16 15.66 9.21
N ILE C 9 3.88 14.37 9.43
CA ILE C 9 2.74 13.95 10.22
C ILE C 9 3.22 13.08 11.37
N GLY C 10 2.36 12.96 12.39
CA GLY C 10 2.58 12.02 13.46
C GLY C 10 1.84 10.72 13.18
N ILE C 11 2.15 9.71 14.01
CA ILE C 11 1.57 8.38 13.78
C ILE C 11 0.05 8.44 13.84
N GLU C 12 -0.51 9.37 14.62
CA GLU C 12 -1.96 9.45 14.76
C GLU C 12 -2.61 9.94 13.46
N ASP C 13 -1.92 10.79 12.70
CA ASP C 13 -2.46 11.20 11.40
C ASP C 13 -2.60 9.99 10.50
N PHE C 14 -1.66 9.06 10.56
CA PHE C 14 -1.68 7.89 9.69
C PHE C 14 -2.70 6.86 10.16
N LEU C 15 -2.80 6.65 11.48
CA LEU C 15 -3.74 5.64 11.98
C LEU C 15 -5.19 5.97 11.68
N LYS C 16 -5.50 7.22 11.30
CA LYS C 16 -6.88 7.54 10.93
C LYS C 16 -7.32 6.81 9.68
N VAL C 17 -6.38 6.30 8.88
CA VAL C 17 -6.68 5.69 7.59
C VAL C 17 -6.65 4.18 7.75
N ASP C 18 -7.58 3.50 7.09
CA ASP C 18 -7.77 2.06 7.21
C ASP C 18 -7.41 1.38 5.89
N LEU C 19 -6.14 0.99 5.76
CA LEU C 19 -5.69 0.27 4.59
C LEU C 19 -5.91 -1.22 4.79
N ARG C 20 -6.53 -1.88 3.81
CA ARG C 20 -6.86 -3.28 3.92
C ARG C 20 -6.54 -4.01 2.63
N VAL C 21 -6.39 -5.33 2.73
CA VAL C 21 -6.23 -6.20 1.58
C VAL C 21 -7.59 -6.79 1.23
N ALA C 22 -8.01 -6.62 -0.02
CA ALA C 22 -9.29 -7.10 -0.50
C ALA C 22 -9.10 -7.96 -1.74
N LYS C 23 -9.95 -8.96 -1.89
CA LYS C 23 -9.92 -9.85 -3.05
C LYS C 23 -10.95 -9.37 -4.08
N VAL C 24 -10.54 -9.30 -5.34
CA VAL C 24 -11.44 -8.86 -6.40
C VAL C 24 -12.35 -10.03 -6.79
N LEU C 25 -13.67 -9.82 -6.67
CA LEU C 25 -14.66 -10.80 -7.10
C LEU C 25 -15.25 -10.51 -8.46
N SER C 26 -15.43 -9.24 -8.82
CA SER C 26 -16.01 -8.87 -10.10
C SER C 26 -15.36 -7.58 -10.59
N ALA C 27 -15.32 -7.42 -11.91
CA ALA C 27 -14.81 -6.20 -12.53
C ALA C 27 -15.46 -6.05 -13.90
N GLU C 28 -15.86 -4.84 -14.24
CA GLU C 28 -16.48 -4.57 -15.53
C GLU C 28 -16.25 -3.11 -15.90
N ARG C 29 -16.24 -2.85 -17.21
CA ARG C 29 -16.20 -1.48 -17.70
C ARG C 29 -17.51 -0.76 -17.40
N VAL C 30 -17.42 0.57 -17.28
CA VAL C 30 -18.55 1.42 -16.99
C VAL C 30 -19.01 2.09 -18.29
N GLU C 31 -20.28 1.90 -18.64
CA GLU C 31 -20.79 2.34 -19.94
C GLU C 31 -20.77 3.86 -20.03
N GLY C 32 -20.20 4.38 -21.12
CA GLY C 32 -20.08 5.80 -21.35
C GLY C 32 -18.78 6.41 -20.85
N SER C 33 -18.05 5.72 -19.99
CA SER C 33 -16.77 6.21 -19.50
C SER C 33 -15.63 5.58 -20.28
N GLU C 34 -14.55 6.35 -20.45
CA GLU C 34 -13.35 5.87 -21.09
C GLU C 34 -12.36 5.26 -20.11
N LYS C 35 -12.46 5.61 -18.82
CA LYS C 35 -11.40 5.34 -17.86
C LYS C 35 -11.83 4.53 -16.66
N LEU C 36 -13.12 4.25 -16.48
CA LEU C 36 -13.64 3.73 -15.23
C LEU C 36 -13.89 2.22 -15.28
N LEU C 37 -13.63 1.55 -14.17
CA LEU C 37 -14.06 0.19 -13.91
C LEU C 37 -14.88 0.16 -12.63
N LYS C 38 -15.92 -0.66 -12.60
CA LYS C 38 -16.66 -0.96 -11.38
C LYS C 38 -16.24 -2.34 -10.88
N LEU C 39 -15.96 -2.44 -9.59
CA LEU C 39 -15.40 -3.64 -8.99
C LEU C 39 -16.17 -4.04 -7.75
N THR C 40 -16.33 -5.33 -7.56
CA THR C 40 -16.83 -5.91 -6.32
C THR C 40 -15.66 -6.56 -5.59
N LEU C 41 -15.53 -6.28 -4.30
CA LEU C 41 -14.39 -6.75 -3.52
C LEU C 41 -14.87 -7.44 -2.26
N SER C 42 -14.18 -8.50 -1.88
CA SER C 42 -14.40 -9.16 -0.60
C SER C 42 -13.34 -8.71 0.38
N LEU C 43 -13.78 -8.27 1.56
CA LEU C 43 -12.92 -7.98 2.70
C LEU C 43 -12.97 -9.10 3.74
N GLY C 44 -13.31 -10.31 3.32
CA GLY C 44 -13.44 -11.41 4.26
C GLY C 44 -14.84 -11.55 4.82
N ASP C 45 -15.26 -10.57 5.61
CA ASP C 45 -16.54 -10.62 6.31
C ASP C 45 -17.59 -9.69 5.71
N GLU C 46 -17.28 -8.98 4.63
CA GLU C 46 -18.21 -8.05 4.01
C GLU C 46 -17.68 -7.69 2.64
N GLU C 47 -18.60 -7.30 1.76
CA GLU C 47 -18.26 -6.93 0.39
C GLU C 47 -18.34 -5.42 0.20
N ARG C 48 -17.58 -4.93 -0.78
CA ARG C 48 -17.53 -3.53 -1.13
C ARG C 48 -17.71 -3.38 -2.64
N THR C 49 -18.20 -2.21 -3.04
CA THR C 49 -18.27 -1.83 -4.45
C THR C 49 -17.44 -0.57 -4.63
N VAL C 50 -16.49 -0.62 -5.57
CA VAL C 50 -15.53 0.46 -5.76
C VAL C 50 -15.46 0.86 -7.22
N VAL C 51 -15.28 2.15 -7.46
CA VAL C 51 -15.06 2.69 -8.81
C VAL C 51 -13.59 3.07 -8.92
N ALA C 52 -12.92 2.60 -9.97
CA ALA C 52 -11.49 2.75 -10.13
C ALA C 52 -11.18 3.23 -11.54
N GLY C 53 -10.51 4.37 -11.65
CA GLY C 53 -10.21 4.96 -12.94
C GLY C 53 -8.96 4.41 -13.59
N ILE C 54 -8.90 3.09 -13.79
CA ILE C 54 -7.70 2.44 -14.32
C ILE C 54 -7.99 1.66 -15.60
N ALA C 55 -9.13 1.93 -16.26
CA ALA C 55 -9.49 1.13 -17.42
C ALA C 55 -8.47 1.26 -18.54
N LYS C 56 -7.76 2.38 -18.60
CA LYS C 56 -6.77 2.58 -19.65
C LYS C 56 -5.55 1.68 -19.48
N TYR C 57 -5.35 1.10 -18.28
CA TYR C 57 -4.14 0.36 -17.97
C TYR C 57 -4.37 -1.08 -17.57
N TYR C 58 -5.56 -1.44 -17.12
CA TYR C 58 -5.88 -2.79 -16.67
C TYR C 58 -7.17 -3.25 -17.31
N THR C 59 -7.19 -4.49 -17.79
CA THR C 59 -8.45 -5.05 -18.23
C THR C 59 -9.23 -5.60 -17.03
N PRO C 60 -10.57 -5.63 -17.12
CA PRO C 60 -11.34 -6.26 -16.02
C PRO C 60 -10.96 -7.70 -15.77
N GLU C 61 -10.67 -8.46 -16.84
CA GLU C 61 -10.45 -9.90 -16.70
C GLU C 61 -9.20 -10.20 -15.86
N GLU C 62 -8.12 -9.43 -16.05
CA GLU C 62 -6.89 -9.72 -15.32
C GLU C 62 -6.94 -9.29 -13.86
N LEU C 63 -7.96 -8.53 -13.46
CA LEU C 63 -8.06 -8.12 -12.07
C LEU C 63 -8.81 -9.13 -11.21
N VAL C 64 -9.68 -9.95 -11.80
CA VAL C 64 -10.49 -10.88 -11.03
C VAL C 64 -9.58 -11.91 -10.37
N GLY C 65 -9.75 -12.10 -9.06
CA GLY C 65 -8.93 -13.01 -8.31
C GLY C 65 -7.71 -12.39 -7.64
N LYS C 66 -7.30 -11.19 -8.07
CA LYS C 66 -6.16 -10.54 -7.46
C LYS C 66 -6.48 -10.12 -6.02
N LYS C 67 -5.43 -10.00 -5.21
CA LYS C 67 -5.53 -9.40 -3.89
C LYS C 67 -4.86 -8.04 -3.96
N ILE C 68 -5.61 -6.98 -3.61
CA ILE C 68 -5.16 -5.61 -3.82
C ILE C 68 -5.43 -4.78 -2.58
N VAL C 69 -4.73 -3.64 -2.49
CA VAL C 69 -4.76 -2.79 -1.30
C VAL C 69 -5.73 -1.63 -1.54
N ILE C 70 -6.62 -1.40 -0.57
CA ILE C 70 -7.64 -0.37 -0.68
C ILE C 70 -7.72 0.44 0.61
N VAL C 71 -8.28 1.64 0.48
CA VAL C 71 -8.72 2.43 1.63
C VAL C 71 -10.17 2.08 1.91
N ALA C 72 -10.45 1.57 3.10
CA ALA C 72 -11.74 0.98 3.40
C ALA C 72 -12.68 1.90 4.19
N ASN C 73 -12.19 2.99 4.76
CA ASN C 73 -12.99 3.83 5.64
C ASN C 73 -13.16 5.24 5.09
N LEU C 74 -13.09 5.39 3.77
CA LEU C 74 -13.42 6.65 3.13
C LEU C 74 -14.93 6.81 3.02
N LYS C 75 -15.40 8.05 3.15
CA LYS C 75 -16.82 8.33 2.95
C LYS C 75 -17.22 7.93 1.53
N PRO C 76 -18.33 7.21 1.36
CA PRO C 76 -18.69 6.74 0.01
C PRO C 76 -19.02 7.90 -0.91
N ARG C 77 -18.62 7.77 -2.18
CA ARG C 77 -18.84 8.82 -3.16
C ARG C 77 -19.50 8.23 -4.39
N LYS C 78 -20.46 8.93 -4.96
CA LYS C 78 -21.16 8.42 -6.13
C LYS C 78 -20.50 8.95 -7.39
N ILE C 79 -19.97 8.03 -8.20
CA ILE C 79 -19.34 8.34 -9.47
C ILE C 79 -20.10 7.61 -10.57
N PHE C 80 -20.52 8.36 -11.60
CA PHE C 80 -21.27 7.81 -12.73
C PHE C 80 -22.55 7.11 -12.28
N GLY C 81 -23.13 7.52 -11.15
CA GLY C 81 -24.29 6.89 -10.61
C GLY C 81 -24.02 5.73 -9.67
N ILE C 82 -22.81 5.17 -9.70
CA ILE C 82 -22.41 4.04 -8.86
C ILE C 82 -21.88 4.57 -7.53
N GLU C 83 -22.29 3.95 -6.43
CA GLU C 83 -21.78 4.31 -5.12
C GLU C 83 -20.48 3.55 -4.82
N SER C 84 -19.38 4.28 -4.67
CA SER C 84 -18.08 3.70 -4.43
C SER C 84 -17.74 3.81 -2.94
N GLN C 85 -17.41 2.67 -2.33
CA GLN C 85 -17.35 2.50 -0.89
C GLN C 85 -15.91 2.37 -0.38
N GLY C 86 -15.00 3.03 -1.05
CA GLY C 86 -13.58 2.90 -0.79
C GLY C 86 -12.84 3.26 -2.05
N MET C 87 -11.51 3.20 -1.99
CA MET C 87 -10.79 3.46 -3.22
C MET C 87 -9.53 2.61 -3.31
N ILE C 88 -9.27 2.14 -4.52
CA ILE C 88 -8.10 1.34 -4.85
C ILE C 88 -6.87 2.23 -4.96
N LEU C 89 -5.79 1.86 -4.28
CA LEU C 89 -4.54 2.60 -4.41
C LEU C 89 -3.83 2.19 -5.68
N ALA C 90 -3.21 3.16 -6.34
CA ALA C 90 -2.38 2.92 -7.50
C ALA C 90 -1.16 3.81 -7.45
N ALA C 91 -0.06 3.32 -8.02
CA ALA C 91 1.20 4.07 -8.12
C ALA C 91 1.52 4.34 -9.58
N SER C 92 1.98 5.55 -9.87
CA SER C 92 2.33 5.94 -11.22
C SER C 92 3.62 6.75 -11.21
N ASP C 93 4.44 6.56 -12.25
CA ASP C 93 5.69 7.31 -12.39
C ASP C 93 5.70 8.23 -13.60
N GLY C 94 4.55 8.43 -14.25
CA GLY C 94 4.52 9.13 -15.51
C GLY C 94 4.74 8.27 -16.72
N GLU C 95 4.86 6.96 -16.55
CA GLU C 95 4.89 6.00 -17.64
C GLU C 95 3.83 4.93 -17.40
N ASN C 96 4.14 4.00 -16.51
CA ASN C 96 3.24 2.90 -16.17
C ASN C 96 2.41 3.23 -14.94
N LEU C 97 1.35 2.44 -14.76
CA LEU C 97 0.46 2.55 -13.63
C LEU C 97 0.28 1.16 -13.05
N SER C 98 0.26 1.07 -11.72
CA SER C 98 0.26 -0.23 -11.09
C SER C 98 -0.66 -0.23 -9.87
N VAL C 99 -1.39 -1.33 -9.70
CA VAL C 99 -2.15 -1.52 -8.47
C VAL C 99 -1.17 -2.02 -7.41
N ILE C 100 -1.64 -2.17 -6.19
CA ILE C 100 -0.78 -2.46 -5.04
C ILE C 100 -1.21 -3.80 -4.45
N VAL C 101 -0.25 -4.67 -4.20
CA VAL C 101 -0.55 -6.06 -3.81
C VAL C 101 0.36 -6.48 -2.68
N PRO C 102 -0.05 -7.49 -1.90
CA PRO C 102 0.83 -8.03 -0.87
C PRO C 102 1.92 -8.92 -1.46
N ASP C 103 3.14 -8.77 -0.92
CA ASP C 103 4.28 -9.53 -1.43
C ASP C 103 4.08 -11.03 -1.24
N ARG C 104 3.43 -11.44 -0.16
CA ARG C 104 3.08 -12.84 0.08
C ARG C 104 1.60 -12.94 0.36
N ASP C 105 1.03 -14.11 0.11
CA ASP C 105 -0.41 -14.29 0.19
C ASP C 105 -0.90 -14.20 1.63
N VAL C 106 -1.89 -13.33 1.85
CA VAL C 106 -2.52 -13.15 3.15
C VAL C 106 -4.03 -13.17 2.95
N LYS C 107 -4.76 -13.58 3.98
CA LYS C 107 -6.20 -13.68 3.86
C LYS C 107 -6.82 -12.30 3.67
N GLU C 108 -7.88 -12.25 2.88
CA GLU C 108 -8.54 -10.98 2.58
C GLU C 108 -9.15 -10.38 3.85
N GLY C 109 -9.03 -9.06 3.97
CA GLY C 109 -9.39 -8.35 5.18
C GLY C 109 -8.22 -7.99 6.07
N ALA C 110 -7.02 -8.49 5.76
CA ALA C 110 -5.84 -8.17 6.55
C ALA C 110 -5.62 -6.66 6.62
N LYS C 111 -5.32 -6.17 7.81
CA LYS C 111 -5.07 -4.74 8.01
C LYS C 111 -3.59 -4.42 7.80
N LEU C 112 -3.33 -3.33 7.11
CA LEU C 112 -1.98 -2.82 6.95
C LEU C 112 -1.59 -1.91 8.11
N SER C 113 -0.30 -1.94 8.45
CA SER C 113 0.20 -1.10 9.53
C SER C 113 1.70 -0.87 9.35
N ALA D 7 -16.19 4.56 11.64
CA ALA D 7 -15.48 5.83 11.76
C ALA D 7 -14.85 6.22 10.43
N LEU D 8 -15.52 7.14 9.72
CA LEU D 8 -15.21 7.46 8.34
C LEU D 8 -14.38 8.74 8.24
N ILE D 9 -13.63 8.85 7.14
CA ILE D 9 -12.73 9.97 6.92
C ILE D 9 -13.05 10.61 5.57
N GLY D 10 -12.64 11.88 5.42
CA GLY D 10 -12.70 12.55 4.14
C GLY D 10 -11.40 12.43 3.38
N ILE D 11 -11.46 12.77 2.09
CA ILE D 11 -10.29 12.62 1.21
C ILE D 11 -9.13 13.47 1.70
N GLU D 12 -9.41 14.59 2.36
CA GLU D 12 -8.33 15.46 2.83
C GLU D 12 -7.55 14.82 3.96
N ASP D 13 -8.21 13.99 4.78
CA ASP D 13 -7.49 13.23 5.81
C ASP D 13 -6.48 12.28 5.17
N PHE D 14 -6.84 11.70 4.01
CA PHE D 14 -5.96 10.75 3.33
C PHE D 14 -4.83 11.45 2.62
N LEU D 15 -5.10 12.61 2.00
CA LEU D 15 -4.05 13.32 1.28
C LEU D 15 -2.94 13.82 2.20
N LYS D 16 -3.15 13.81 3.51
CA LYS D 16 -2.10 14.18 4.46
C LYS D 16 -0.96 13.18 4.48
N VAL D 17 -1.17 11.97 3.96
CA VAL D 17 -0.18 10.89 3.99
C VAL D 17 0.49 10.77 2.63
N ASP D 18 1.79 10.54 2.64
CA ASP D 18 2.61 10.46 1.42
C ASP D 18 3.12 9.02 1.29
N LEU D 19 2.36 8.18 0.58
CA LEU D 19 2.75 6.81 0.32
C LEU D 19 3.63 6.74 -0.92
N ARG D 20 4.75 6.04 -0.82
CA ARG D 20 5.70 5.98 -1.93
C ARG D 20 6.19 4.56 -2.15
N VAL D 21 6.71 4.33 -3.36
CA VAL D 21 7.41 3.10 -3.69
C VAL D 21 8.90 3.35 -3.52
N ALA D 22 9.57 2.49 -2.75
CA ALA D 22 10.99 2.64 -2.45
C ALA D 22 11.73 1.36 -2.79
N LYS D 23 12.97 1.52 -3.24
CA LYS D 23 13.84 0.39 -3.56
C LYS D 23 14.79 0.11 -2.40
N VAL D 24 14.87 -1.13 -1.97
CA VAL D 24 15.77 -1.49 -0.87
C VAL D 24 17.18 -1.63 -1.43
N LEU D 25 18.12 -0.86 -0.89
CA LEU D 25 19.52 -0.97 -1.28
C LEU D 25 20.33 -1.83 -0.33
N SER D 26 20.05 -1.78 0.97
CA SER D 26 20.79 -2.56 1.95
C SER D 26 19.88 -2.93 3.11
N ALA D 27 20.20 -4.02 3.78
CA ALA D 27 19.41 -4.47 4.92
C ALA D 27 20.30 -5.27 5.86
N GLU D 28 20.08 -5.09 7.16
CA GLU D 28 20.85 -5.81 8.16
C GLU D 28 20.03 -5.96 9.42
N ARG D 29 20.34 -7.01 10.20
CA ARG D 29 19.75 -7.17 11.51
C ARG D 29 20.27 -6.06 12.42
N VAL D 30 19.49 -5.74 13.46
CA VAL D 30 19.84 -4.70 14.42
C VAL D 30 20.42 -5.38 15.65
N GLU D 31 21.65 -5.01 15.99
CA GLU D 31 22.39 -5.73 17.02
C GLU D 31 21.73 -5.56 18.38
N GLY D 32 21.47 -6.67 19.07
CA GLY D 32 20.81 -6.66 20.35
C GLY D 32 19.30 -6.79 20.29
N SER D 33 18.70 -6.57 19.13
CA SER D 33 17.26 -6.64 18.97
C SER D 33 16.80 -8.01 18.52
N GLU D 34 15.56 -8.36 18.91
CA GLU D 34 14.96 -9.61 18.50
C GLU D 34 14.20 -9.51 17.18
N LYS D 35 13.70 -8.32 16.84
CA LYS D 35 12.72 -8.18 15.75
C LYS D 35 13.10 -7.19 14.66
N LEU D 36 14.15 -6.40 14.82
CA LEU D 36 14.35 -5.23 13.99
C LEU D 36 15.37 -5.47 12.87
N LEU D 37 15.11 -4.84 11.73
CA LEU D 37 16.06 -4.70 10.64
C LEU D 37 16.25 -3.23 10.35
N LYS D 38 17.48 -2.84 10.01
CA LYS D 38 17.78 -1.50 9.53
C LYS D 38 17.91 -1.54 8.01
N LEU D 39 17.25 -0.60 7.33
CA LEU D 39 17.18 -0.61 5.87
C LEU D 39 17.50 0.76 5.30
N THR D 40 18.22 0.75 4.19
CA THR D 40 18.45 1.94 3.37
C THR D 40 17.59 1.83 2.12
N LEU D 41 16.87 2.89 1.81
CA LEU D 41 15.88 2.87 0.73
C LEU D 41 16.14 4.03 -0.21
N SER D 42 15.98 3.78 -1.50
CA SER D 42 16.04 4.82 -2.51
C SER D 42 14.63 5.22 -2.91
N LEU D 43 14.36 6.52 -2.90
CA LEU D 43 13.16 7.12 -3.46
C LEU D 43 13.42 7.78 -4.81
N GLY D 44 14.45 7.33 -5.53
CA GLY D 44 14.81 7.94 -6.78
C GLY D 44 15.82 9.07 -6.63
N ASP D 45 15.42 10.16 -6.00
CA ASP D 45 16.27 11.34 -5.85
C ASP D 45 16.82 11.52 -4.45
N GLU D 46 16.52 10.62 -3.53
CA GLU D 46 17.01 10.74 -2.16
C GLU D 46 16.78 9.43 -1.43
N GLU D 47 17.60 9.18 -0.42
CA GLU D 47 17.56 7.95 0.35
C GLU D 47 16.96 8.19 1.73
N ARG D 48 16.45 7.11 2.31
CA ARG D 48 15.87 7.08 3.63
C ARG D 48 16.50 5.94 4.42
N THR D 49 16.47 6.07 5.75
CA THR D 49 16.87 5.00 6.65
C THR D 49 15.68 4.64 7.52
N VAL D 50 15.29 3.37 7.54
CA VAL D 50 14.11 2.94 8.27
C VAL D 50 14.42 1.73 9.14
N VAL D 51 13.75 1.65 10.29
CA VAL D 51 13.80 0.50 11.18
C VAL D 51 12.47 -0.24 11.07
N ALA D 52 12.53 -1.55 10.82
CA ALA D 52 11.36 -2.35 10.50
C ALA D 52 11.35 -3.61 11.35
N GLY D 53 10.27 -3.81 12.12
CA GLY D 53 10.20 -4.94 13.01
C GLY D 53 9.69 -6.22 12.38
N ILE D 54 10.32 -6.65 11.30
CA ILE D 54 9.86 -7.81 10.54
C ILE D 54 10.96 -8.88 10.43
N ALA D 55 11.99 -8.81 11.28
CA ALA D 55 13.12 -9.71 11.14
C ALA D 55 12.72 -11.18 11.30
N LYS D 56 11.63 -11.45 12.03
CA LYS D 56 11.18 -12.83 12.21
C LYS D 56 10.58 -13.42 10.92
N TYR D 57 10.28 -12.58 9.93
CA TYR D 57 9.60 -13.04 8.72
C TYR D 57 10.38 -12.77 7.44
N TYR D 58 11.34 -11.85 7.46
CA TYR D 58 12.13 -11.56 6.27
C TYR D 58 13.61 -11.51 6.65
N THR D 59 14.43 -12.20 5.87
CA THR D 59 15.87 -12.09 6.01
C THR D 59 16.36 -10.87 5.23
N PRO D 60 17.50 -10.30 5.60
CA PRO D 60 18.04 -9.18 4.82
C PRO D 60 18.23 -9.53 3.35
N GLU D 61 18.67 -10.75 3.05
CA GLU D 61 19.03 -11.11 1.68
C GLU D 61 17.81 -11.11 0.75
N GLU D 62 16.66 -11.58 1.21
CA GLU D 62 15.51 -11.58 0.33
C GLU D 62 14.85 -10.21 0.19
N LEU D 63 15.25 -9.22 1.00
CA LEU D 63 14.70 -7.87 0.84
C LEU D 63 15.52 -6.99 -0.09
N VAL D 64 16.81 -7.26 -0.25
CA VAL D 64 17.67 -6.37 -1.03
C VAL D 64 17.25 -6.40 -2.50
N GLY D 65 17.05 -5.22 -3.08
CA GLY D 65 16.61 -5.10 -4.46
C GLY D 65 15.11 -4.99 -4.63
N LYS D 66 14.33 -5.35 -3.61
CA LYS D 66 12.88 -5.31 -3.69
C LYS D 66 12.35 -3.87 -3.77
N LYS D 67 11.17 -3.72 -4.36
CA LYS D 67 10.42 -2.47 -4.33
C LYS D 67 9.22 -2.64 -3.41
N ILE D 68 9.10 -1.77 -2.41
CA ILE D 68 8.12 -1.90 -1.35
C ILE D 68 7.46 -0.55 -1.10
N VAL D 69 6.31 -0.59 -0.42
CA VAL D 69 5.51 0.61 -0.17
C VAL D 69 5.81 1.12 1.23
N ILE D 70 6.09 2.42 1.33
CA ILE D 70 6.45 3.03 2.60
C ILE D 70 5.67 4.33 2.80
N VAL D 71 5.58 4.75 4.06
CA VAL D 71 5.13 6.09 4.42
C VAL D 71 6.36 6.96 4.55
N ALA D 72 6.42 8.04 3.76
CA ALA D 72 7.64 8.82 3.63
C ALA D 72 7.67 10.12 4.43
N ASN D 73 6.54 10.60 4.95
CA ASN D 73 6.52 11.92 5.56
C ASN D 73 6.17 11.89 7.06
N LEU D 74 6.50 10.81 7.75
CA LEU D 74 6.38 10.77 9.20
C LEU D 74 7.54 11.49 9.88
N LYS D 75 7.26 12.09 11.02
CA LYS D 75 8.33 12.66 11.83
C LYS D 75 9.29 11.54 12.21
N PRO D 76 10.60 11.75 12.08
CA PRO D 76 11.55 10.68 12.38
C PRO D 76 11.51 10.28 13.85
N ARG D 77 11.70 8.98 14.11
CA ARG D 77 11.68 8.46 15.46
C ARG D 77 12.94 7.62 15.69
N LYS D 78 13.53 7.74 16.87
CA LYS D 78 14.78 7.05 17.16
C LYS D 78 14.51 5.72 17.84
N ILE D 79 14.87 4.63 17.17
CA ILE D 79 14.70 3.28 17.67
C ILE D 79 16.07 2.60 17.71
N PHE D 80 16.45 2.08 18.88
CA PHE D 80 17.72 1.37 19.07
C PHE D 80 18.91 2.22 18.64
N GLY D 81 18.78 3.55 18.74
CA GLY D 81 19.82 4.46 18.34
C GLY D 81 19.79 4.90 16.90
N ILE D 82 19.08 4.17 16.04
CA ILE D 82 18.95 4.52 14.63
C ILE D 82 17.77 5.47 14.46
N GLU D 83 17.97 6.52 13.67
CA GLU D 83 16.87 7.43 13.36
C GLU D 83 16.10 6.87 12.16
N SER D 84 14.84 6.53 12.37
CA SER D 84 13.99 5.95 11.35
C SER D 84 13.09 7.02 10.76
N GLN D 85 13.15 7.16 9.44
CA GLN D 85 12.65 8.30 8.70
C GLN D 85 11.41 7.94 7.87
N GLY D 86 10.62 7.00 8.35
CA GLY D 86 9.49 6.47 7.62
C GLY D 86 9.23 5.06 8.09
N MET D 87 8.21 4.44 7.51
CA MET D 87 7.99 3.03 7.87
C MET D 87 7.50 2.22 6.70
N ILE D 88 7.98 0.98 6.65
CA ILE D 88 7.54 -0.02 5.69
C ILE D 88 6.19 -0.55 6.14
N LEU D 89 5.22 -0.58 5.23
CA LEU D 89 3.92 -1.13 5.54
C LEU D 89 3.94 -2.65 5.47
N ALA D 90 3.23 -3.29 6.40
CA ALA D 90 3.07 -4.73 6.37
C ALA D 90 1.63 -5.11 6.70
N ALA D 91 1.17 -6.20 6.12
CA ALA D 91 -0.15 -6.75 6.36
C ALA D 91 -0.03 -8.12 7.00
N SER D 92 -0.89 -8.38 7.98
CA SER D 92 -0.89 -9.66 8.67
C SER D 92 -2.32 -10.12 8.86
N ASP D 93 -2.53 -11.44 8.78
CA ASP D 93 -3.83 -12.03 8.95
C ASP D 93 -3.92 -12.87 10.23
N GLY D 94 -2.94 -12.76 11.10
CA GLY D 94 -2.81 -13.64 12.25
C GLY D 94 -2.05 -14.92 11.98
N GLU D 95 -1.50 -15.09 10.78
CA GLU D 95 -0.59 -16.20 10.52
C GLU D 95 0.71 -15.68 9.96
N ASN D 96 0.74 -15.40 8.67
CA ASN D 96 1.93 -14.85 8.04
C ASN D 96 1.82 -13.33 7.95
N LEU D 97 2.96 -12.70 7.68
CA LEU D 97 3.07 -11.27 7.55
C LEU D 97 3.76 -10.97 6.23
N SER D 98 3.34 -9.91 5.55
CA SER D 98 3.85 -9.62 4.21
C SER D 98 4.03 -8.12 4.02
N VAL D 99 5.11 -7.75 3.34
CA VAL D 99 5.31 -6.37 2.92
C VAL D 99 4.46 -6.10 1.69
N ILE D 100 4.44 -4.86 1.23
CA ILE D 100 3.52 -4.42 0.19
C ILE D 100 4.33 -3.93 -1.00
N VAL D 101 3.94 -4.38 -2.20
CA VAL D 101 4.75 -4.17 -3.41
C VAL D 101 3.84 -3.73 -4.54
N PRO D 102 4.42 -3.11 -5.57
CA PRO D 102 3.64 -2.80 -6.78
C PRO D 102 3.44 -4.03 -7.64
N ASP D 103 2.22 -4.17 -8.17
CA ASP D 103 1.87 -5.34 -8.96
C ASP D 103 2.71 -5.44 -10.23
N ARG D 104 3.00 -4.30 -10.87
CA ARG D 104 3.93 -4.28 -11.98
C ARG D 104 4.97 -3.21 -11.74
N ASP D 105 6.11 -3.37 -12.41
CA ASP D 105 7.29 -2.59 -12.08
C ASP D 105 7.06 -1.11 -12.37
N VAL D 106 7.35 -0.29 -11.37
CA VAL D 106 7.24 1.16 -11.47
C VAL D 106 8.51 1.73 -10.86
N LYS D 107 8.90 2.91 -11.32
CA LYS D 107 10.16 3.49 -10.86
C LYS D 107 10.07 3.89 -9.39
N GLU D 108 11.19 3.76 -8.69
CA GLU D 108 11.24 4.08 -7.27
C GLU D 108 11.00 5.57 -7.05
N GLY D 109 10.22 5.89 -6.02
CA GLY D 109 9.75 7.23 -5.80
C GLY D 109 8.34 7.49 -6.28
N ALA D 110 7.74 6.54 -7.00
CA ALA D 110 6.37 6.67 -7.46
C ALA D 110 5.44 6.93 -6.28
N LYS D 111 4.54 7.90 -6.44
CA LYS D 111 3.59 8.23 -5.40
C LYS D 111 2.35 7.36 -5.55
N LEU D 112 1.86 6.86 -4.43
CA LEU D 112 0.58 6.15 -4.41
C LEU D 112 -0.54 7.17 -4.26
N SER D 113 -1.66 6.89 -4.90
CA SER D 113 -2.81 7.77 -4.82
C SER D 113 -4.10 7.04 -5.16
#